data_7PSZ
#
_entry.id   7PSZ
#
_cell.length_a   66.848
_cell.length_b   36.127
_cell.length_c   68.382
_cell.angle_alpha   90
_cell.angle_beta   116.74
_cell.angle_gamma   90
#
_symmetry.space_group_name_H-M   'C 1 2 1'
#
loop_
_entity.id
_entity.type
_entity.pdbx_description
1 polymer Calmodulin-1
2 non-polymer 1-[bis(4-chlorophenyl)methyl]-3-[(2~{R})-2-(2,4-dichlorophenyl)-2-[(2,4-dichlorophenyl)methoxy]ethyl]imidazole
3 non-polymer 'SULFATE ION'
4 non-polymer 'CALCIUM ION'
5 water water
#
_entity_poly.entity_id   1
_entity_poly.type   'polypeptide(L)'
_entity_poly.pdbx_seq_one_letter_code
;ADQLTEEQIAEFKEAFSLFDKDGDGTITTKELGTVMRSLGQNPTEAELQDMINEVDADGNGTIDFPEFLTMMARKMKDTD
SEEEIREAFRVFDKDGNGYISAAELRHVMTNLGEKLTDEEVDEMIREADIDGDGQVNYEEFVQMMTAK
;
_entity_poly.pdbx_strand_id   A
#
loop_
_chem_comp.id
_chem_comp.type
_chem_comp.name
_chem_comp.formula
85H non-polymer 1-[bis(4-chlorophenyl)methyl]-3-[(2~{R})-2-(2,4-dichlorophenyl)-2-[(2,4-dichlorophenyl)methoxy]ethyl]imidazole 'C31 H23 Cl6 N2 O 1'
CA non-polymer 'CALCIUM ION' 'Ca 2'
SO4 non-polymer 'SULFATE ION' 'O4 S -2'
#
# COMPACT_ATOMS: atom_id res chain seq x y z
N ASP A 2 -2.68 23.14 8.37
CA ASP A 2 -3.05 22.55 9.66
C ASP A 2 -2.02 21.48 10.13
N GLN A 3 -2.27 20.85 11.28
CA GLN A 3 -1.39 19.86 11.90
C GLN A 3 -2.00 18.46 11.78
N LEU A 4 -1.15 17.45 11.60
CA LEU A 4 -1.61 16.08 11.49
C LEU A 4 -2.06 15.59 12.87
N THR A 5 -3.03 14.72 12.88
CA THR A 5 -3.50 14.12 14.13
C THR A 5 -2.61 12.88 14.37
N GLU A 6 -2.71 12.29 15.58
CA GLU A 6 -2.00 11.06 15.89
C GLU A 6 -2.52 9.94 15.01
N GLU A 7 -3.85 9.94 14.70
CA GLU A 7 -4.39 8.91 13.79
C GLU A 7 -3.76 9.02 12.40
N GLN A 8 -3.63 10.21 11.85
CA GLN A 8 -3.01 10.38 10.53
C GLN A 8 -1.55 9.92 10.54
N ILE A 9 -0.80 10.23 11.61
CA ILE A 9 0.59 9.77 11.71
C ILE A 9 0.62 8.24 11.78
N ALA A 10 -0.26 7.64 12.60
CA ALA A 10 -0.35 6.18 12.70
C ALA A 10 -0.66 5.52 11.35
N GLU A 11 -1.53 6.13 10.53
CA GLU A 11 -1.91 5.60 9.21
C GLU A 11 -0.74 5.66 8.24
N PHE A 12 0.05 6.76 8.30
CA PHE A 12 1.25 6.89 7.46
C PHE A 12 2.30 5.89 7.91
N LYS A 13 2.44 5.69 9.22
CA LYS A 13 3.37 4.73 9.76
C LYS A 13 3.02 3.31 9.32
N GLU A 14 1.74 2.94 9.34
CA GLU A 14 1.31 1.59 8.94
C GLU A 14 1.57 1.35 7.46
N ALA A 15 1.30 2.35 6.64
CA ALA A 15 1.52 2.29 5.19
C ALA A 15 3.02 2.13 4.87
N PHE A 16 3.89 2.88 5.58
CA PHE A 16 5.34 2.78 5.39
C PHE A 16 5.80 1.35 5.80
N SER A 17 5.27 0.82 6.93
CA SER A 17 5.64 -0.51 7.40
CA SER A 17 5.61 -0.52 7.43
C SER A 17 5.26 -1.65 6.44
N LEU A 18 4.25 -1.46 5.59
CA LEU A 18 3.87 -2.49 4.62
C LEU A 18 5.02 -2.66 3.60
N PHE A 19 5.70 -1.55 3.23
CA PHE A 19 6.85 -1.62 2.31
C PHE A 19 8.14 -1.95 3.06
N ASP A 20 8.32 -1.38 4.24
CA ASP A 20 9.51 -1.58 5.05
C ASP A 20 9.41 -2.90 5.83
N LYS A 21 9.45 -4.01 5.08
CA LYS A 21 9.32 -5.37 5.58
C LYS A 21 10.29 -5.71 6.71
N ASP A 22 11.58 -5.34 6.60
CA ASP A 22 12.52 -5.66 7.68
C ASP A 22 12.54 -4.66 8.85
N GLY A 23 11.74 -3.61 8.77
CA GLY A 23 11.64 -2.61 9.83
C GLY A 23 12.86 -1.74 10.12
N ASP A 24 13.77 -1.54 9.14
CA ASP A 24 14.97 -0.73 9.37
C ASP A 24 14.81 0.78 9.08
N GLY A 25 13.59 1.22 8.77
CA GLY A 25 13.30 2.63 8.53
C GLY A 25 13.50 3.12 7.11
N THR A 26 13.93 2.24 6.20
CA THR A 26 14.09 2.62 4.79
C THR A 26 13.46 1.56 3.90
N ILE A 27 12.95 2.00 2.72
CA ILE A 27 12.36 1.13 1.73
C ILE A 27 13.36 0.99 0.62
N THR A 28 13.71 -0.24 0.28
CA THR A 28 14.66 -0.51 -0.78
C THR A 28 13.94 -0.93 -2.07
N THR A 29 14.66 -1.03 -3.21
CA THR A 29 14.07 -1.51 -4.45
C THR A 29 13.56 -2.96 -4.28
N LYS A 30 14.27 -3.78 -3.52
CA LYS A 30 13.87 -5.17 -3.29
C LYS A 30 12.54 -5.25 -2.52
N GLU A 31 12.37 -4.41 -1.49
CA GLU A 31 11.13 -4.38 -0.72
C GLU A 31 9.98 -3.83 -1.58
N LEU A 32 10.26 -2.79 -2.39
CA LEU A 32 9.22 -2.24 -3.27
C LEU A 32 8.77 -3.31 -4.29
N GLY A 33 9.71 -4.06 -4.82
CA GLY A 33 9.41 -5.11 -5.79
C GLY A 33 8.52 -6.19 -5.22
N THR A 34 8.77 -6.58 -3.97
CA THR A 34 7.98 -7.62 -3.31
C THR A 34 6.51 -7.21 -3.20
N VAL A 35 6.24 -5.96 -2.81
CA VAL A 35 4.88 -5.41 -2.72
C VAL A 35 4.22 -5.34 -4.09
N MET A 36 4.93 -4.78 -5.08
CA MET A 36 4.37 -4.66 -6.42
C MET A 36 4.04 -6.02 -7.04
N ARG A 37 4.89 -7.04 -6.83
CA ARG A 37 4.60 -8.37 -7.34
C ARG A 37 3.38 -8.99 -6.66
N SER A 38 3.20 -8.72 -5.38
CA SER A 38 2.03 -9.20 -4.65
C SER A 38 0.74 -8.48 -5.11
N LEU A 39 0.85 -7.32 -5.76
CA LEU A 39 -0.31 -6.59 -6.27
C LEU A 39 -0.54 -6.78 -7.77
N GLY A 40 0.07 -7.80 -8.36
CA GLY A 40 -0.11 -8.13 -9.77
C GLY A 40 0.82 -7.47 -10.76
N GLN A 41 1.90 -6.80 -10.30
CA GLN A 41 2.83 -6.16 -11.24
C GLN A 41 4.12 -6.98 -11.41
N ASN A 42 4.92 -6.68 -12.44
CA ASN A 42 6.18 -7.39 -12.65
C ASN A 42 7.28 -6.42 -13.11
N PRO A 43 7.59 -5.38 -12.32
CA PRO A 43 8.63 -4.42 -12.74
C PRO A 43 10.02 -5.05 -12.73
N THR A 44 10.87 -4.57 -13.62
CA THR A 44 12.26 -4.99 -13.66
C THR A 44 12.99 -4.24 -12.53
N GLU A 45 14.23 -4.67 -12.22
CA GLU A 45 15.04 -3.99 -11.21
C GLU A 45 15.32 -2.55 -11.63
N ALA A 46 15.67 -2.31 -12.91
CA ALA A 46 15.92 -0.95 -13.35
C ALA A 46 14.66 -0.06 -13.21
N GLU A 47 13.46 -0.60 -13.47
CA GLU A 47 12.22 0.15 -13.32
C GLU A 47 11.96 0.46 -11.86
N LEU A 48 12.27 -0.49 -10.96
CA LEU A 48 12.13 -0.22 -9.51
C LEU A 48 13.09 0.91 -9.09
N GLN A 49 14.34 0.89 -9.57
CA GLN A 49 15.31 1.95 -9.29
C GLN A 49 14.82 3.30 -9.82
N ASP A 50 14.20 3.34 -11.02
CA ASP A 50 13.64 4.57 -11.59
C ASP A 50 12.52 5.14 -10.69
N MET A 51 11.65 4.25 -10.17
CA MET A 51 10.58 4.65 -9.26
C MET A 51 11.10 5.21 -7.94
N ILE A 52 12.10 4.57 -7.34
CA ILE A 52 12.73 5.04 -6.11
C ILE A 52 13.39 6.41 -6.35
N ASN A 53 14.15 6.55 -7.47
CA ASN A 53 14.85 7.79 -7.82
C ASN A 53 13.93 9.00 -7.91
N GLU A 54 12.68 8.80 -8.30
CA GLU A 54 11.73 9.91 -8.38
C GLU A 54 11.39 10.49 -7.01
N VAL A 55 11.36 9.62 -5.99
CA VAL A 55 11.00 9.90 -4.59
C VAL A 55 12.21 10.22 -3.69
N ASP A 56 13.35 9.59 -3.97
CA ASP A 56 14.60 9.69 -3.23
C ASP A 56 15.22 11.07 -3.41
N ALA A 57 15.01 11.96 -2.45
CA ALA A 57 15.55 13.31 -2.53
C ALA A 57 17.03 13.43 -2.14
N ASP A 58 17.49 12.74 -1.08
CA ASP A 58 18.88 12.84 -0.65
C ASP A 58 19.88 12.04 -1.51
N GLY A 59 19.38 11.15 -2.36
CA GLY A 59 20.19 10.36 -3.27
C GLY A 59 20.92 9.15 -2.72
N ASN A 60 20.40 8.49 -1.67
CA ASN A 60 21.08 7.31 -1.10
C ASN A 60 20.51 5.97 -1.59
N GLY A 61 19.71 5.96 -2.66
CA GLY A 61 19.12 4.75 -3.22
C GLY A 61 17.93 4.12 -2.50
N THR A 62 17.49 4.70 -1.36
CA THR A 62 16.39 4.14 -0.58
C THR A 62 15.36 5.23 -0.18
N ILE A 63 14.15 4.83 0.25
CA ILE A 63 13.15 5.79 0.66
C ILE A 63 13.00 5.81 2.18
N ASP A 64 13.19 6.99 2.79
CA ASP A 64 13.01 7.11 4.23
C ASP A 64 11.61 7.73 4.54
N PHE A 65 11.20 7.75 5.81
CA PHE A 65 9.89 8.26 6.20
C PHE A 65 9.55 9.66 5.64
N PRO A 66 10.37 10.73 5.82
CA PRO A 66 10.01 12.04 5.22
C PRO A 66 9.89 12.02 3.70
N GLU A 67 10.74 11.22 3.03
CA GLU A 67 10.64 11.06 1.56
C GLU A 67 9.32 10.39 1.16
N PHE A 68 8.87 9.44 1.98
CA PHE A 68 7.60 8.74 1.76
C PHE A 68 6.44 9.74 1.90
N LEU A 69 6.47 10.57 2.96
CA LEU A 69 5.45 11.60 3.16
C LEU A 69 5.45 12.61 2.00
N THR A 70 6.66 13.02 1.52
CA THR A 70 6.80 13.99 0.41
C THR A 70 6.11 13.46 -0.86
N MET A 71 6.25 12.16 -1.08
CA MET A 71 5.63 11.44 -2.19
C MET A 71 4.12 11.55 -2.11
N MET A 72 3.55 11.30 -0.92
CA MET A 72 2.10 11.41 -0.74
C MET A 72 1.56 12.79 -0.91
N ALA A 73 2.35 13.80 -0.52
CA ALA A 73 1.94 15.20 -0.65
C ALA A 73 1.99 15.71 -2.10
N ARG A 74 2.53 14.92 -3.05
CA ARG A 74 2.61 15.30 -4.46
C ARG A 74 1.40 14.85 -5.27
N LYS A 75 0.62 13.86 -4.77
CA LYS A 75 -0.55 13.31 -5.45
C LYS A 75 -0.20 12.85 -6.87
N MET A 76 1.01 12.30 -7.04
CA MET A 76 1.56 11.83 -8.32
C MET A 76 0.79 10.65 -8.88
N LYS A 77 0.73 10.52 -10.22
CA LYS A 77 0.00 9.43 -10.84
C LYS A 77 0.66 8.93 -12.13
N ASP A 78 0.46 7.63 -12.44
CA ASP A 78 0.98 7.06 -13.68
C ASP A 78 -0.14 6.91 -14.73
N THR A 79 0.22 6.65 -16.00
CA THR A 79 -0.75 6.59 -17.09
C THR A 79 -1.73 5.41 -16.99
N ASP A 80 -1.28 4.27 -16.45
CA ASP A 80 -2.13 3.10 -16.30
C ASP A 80 -2.58 2.92 -14.85
N SER A 81 -2.77 4.01 -14.10
CA SER A 81 -3.19 3.98 -12.70
C SER A 81 -4.50 3.21 -12.47
N GLU A 82 -5.53 3.51 -13.27
CA GLU A 82 -6.83 2.86 -13.13
C GLU A 82 -6.75 1.35 -13.39
N GLU A 83 -5.92 0.93 -14.35
CA GLU A 83 -5.75 -0.48 -14.64
C GLU A 83 -4.99 -1.16 -13.50
N GLU A 84 -3.95 -0.51 -12.98
CA GLU A 84 -3.18 -1.04 -11.87
C GLU A 84 -4.01 -1.13 -10.60
N ILE A 85 -4.94 -0.18 -10.38
CA ILE A 85 -5.81 -0.21 -9.21
C ILE A 85 -6.80 -1.34 -9.34
N ARG A 86 -7.34 -1.58 -10.57
CA ARG A 86 -8.25 -2.70 -10.78
C ARG A 86 -7.56 -4.03 -10.64
N GLU A 87 -6.31 -4.12 -11.14
CA GLU A 87 -5.50 -5.33 -11.04
C GLU A 87 -5.23 -5.64 -9.56
N ALA A 88 -4.92 -4.61 -8.78
CA ALA A 88 -4.66 -4.78 -7.35
C ALA A 88 -5.95 -5.22 -6.65
N PHE A 89 -7.11 -4.61 -7.02
CA PHE A 89 -8.42 -4.95 -6.45
C PHE A 89 -8.72 -6.43 -6.67
N ARG A 90 -8.44 -6.94 -7.88
CA ARG A 90 -8.66 -8.35 -8.22
C ARG A 90 -7.84 -9.28 -7.40
N VAL A 91 -6.60 -8.88 -7.07
CA VAL A 91 -5.74 -9.69 -6.22
C VAL A 91 -6.37 -9.89 -4.84
N PHE A 92 -6.85 -8.81 -4.21
CA PHE A 92 -7.47 -8.92 -2.89
C PHE A 92 -8.76 -9.78 -2.92
N ASP A 93 -9.68 -9.48 -3.83
CA ASP A 93 -10.94 -10.23 -3.91
C ASP A 93 -10.73 -11.56 -4.61
N LYS A 94 -10.21 -12.55 -3.85
CA LYS A 94 -9.90 -13.89 -4.33
C LYS A 94 -11.10 -14.79 -4.58
N ASP A 95 -12.28 -14.49 -4.02
CA ASP A 95 -13.46 -15.33 -4.30
C ASP A 95 -14.38 -14.75 -5.39
N GLY A 96 -13.98 -13.68 -6.06
CA GLY A 96 -14.77 -13.08 -7.13
C GLY A 96 -16.16 -12.57 -6.82
N ASN A 97 -16.43 -12.04 -5.58
CA ASN A 97 -17.79 -11.49 -5.29
C ASN A 97 -17.87 -9.96 -5.32
N GLY A 98 -16.75 -9.29 -5.58
CA GLY A 98 -16.70 -7.83 -5.66
C GLY A 98 -16.52 -7.09 -4.36
N TYR A 99 -16.30 -7.82 -3.27
CA TYR A 99 -16.10 -7.23 -1.96
C TYR A 99 -14.81 -7.81 -1.38
N ILE A 100 -14.00 -6.98 -0.72
CA ILE A 100 -12.80 -7.47 -0.07
C ILE A 100 -13.14 -7.66 1.40
N SER A 101 -13.08 -8.91 1.87
CA SER A 101 -13.39 -9.22 3.26
C SER A 101 -12.12 -9.09 4.15
N ALA A 102 -12.27 -9.16 5.48
CA ALA A 102 -11.11 -9.13 6.37
C ALA A 102 -10.24 -10.38 6.11
N ALA A 103 -10.87 -11.52 5.78
CA ALA A 103 -10.20 -12.78 5.45
C ALA A 103 -9.33 -12.64 4.19
N GLU A 104 -9.86 -11.99 3.14
CA GLU A 104 -9.10 -11.79 1.90
C GLU A 104 -7.94 -10.82 2.10
N LEU A 105 -8.12 -9.82 2.96
CA LEU A 105 -7.03 -8.89 3.26
C LEU A 105 -5.95 -9.66 4.06
N ARG A 106 -6.36 -10.52 5.02
CA ARG A 106 -5.45 -11.39 5.76
C ARG A 106 -4.65 -12.29 4.79
N HIS A 107 -5.30 -12.82 3.75
CA HIS A 107 -4.64 -13.64 2.76
C HIS A 107 -3.49 -12.90 2.04
N VAL A 108 -3.74 -11.66 1.56
CA VAL A 108 -2.71 -10.90 0.85
C VAL A 108 -1.56 -10.54 1.79
N MET A 109 -1.88 -10.17 3.02
CA MET A 109 -0.87 -9.85 4.03
C MET A 109 0.03 -11.05 4.35
N THR A 110 -0.55 -12.26 4.48
CA THR A 110 0.28 -13.45 4.75
C THR A 110 1.13 -13.82 3.55
N ASN A 111 0.61 -13.64 2.34
CA ASN A 111 1.39 -13.92 1.13
C ASN A 111 2.57 -12.92 1.01
N LEU A 112 2.35 -11.67 1.43
CA LEU A 112 3.40 -10.66 1.44
C LEU A 112 4.46 -10.88 2.54
N GLY A 113 4.18 -11.75 3.50
CA GLY A 113 5.08 -12.01 4.61
C GLY A 113 4.88 -11.05 5.77
N GLU A 114 3.78 -10.29 5.77
CA GLU A 114 3.45 -9.33 6.81
C GLU A 114 2.82 -10.07 7.99
N LYS A 115 3.12 -9.62 9.22
CA LYS A 115 2.52 -10.22 10.41
C LYS A 115 1.64 -9.16 11.04
N LEU A 116 0.33 -9.32 10.93
CA LEU A 116 -0.61 -8.35 11.45
C LEU A 116 -1.60 -9.02 12.36
N THR A 117 -1.94 -8.36 13.47
CA THR A 117 -2.93 -8.88 14.39
C THR A 117 -4.33 -8.76 13.76
N ASP A 118 -5.34 -9.43 14.34
CA ASP A 118 -6.70 -9.33 13.83
C ASP A 118 -7.26 -7.92 13.99
N GLU A 119 -6.86 -7.19 15.06
CA GLU A 119 -7.32 -5.84 15.27
C GLU A 119 -6.75 -4.90 14.21
N GLU A 120 -5.49 -5.12 13.80
CA GLU A 120 -4.87 -4.31 12.76
C GLU A 120 -5.54 -4.56 11.40
N VAL A 121 -5.90 -5.82 11.09
CA VAL A 121 -6.59 -6.12 9.83
C VAL A 121 -8.00 -5.49 9.86
N ASP A 122 -8.72 -5.68 10.98
CA ASP A 122 -10.06 -5.13 11.12
C ASP A 122 -10.09 -3.59 11.03
N GLU A 123 -9.07 -2.92 11.59
CA GLU A 123 -8.97 -1.46 11.48
C GLU A 123 -8.73 -1.04 10.03
N MET A 124 -7.93 -1.78 9.26
CA MET A 124 -7.68 -1.45 7.85
C MET A 124 -8.99 -1.50 7.05
N ILE A 125 -9.83 -2.53 7.31
CA ILE A 125 -11.14 -2.64 6.65
C ILE A 125 -12.01 -1.45 7.03
N ARG A 126 -12.14 -1.17 8.34
CA ARG A 126 -12.95 -0.07 8.84
C ARG A 126 -12.55 1.27 8.25
N GLU A 127 -11.23 1.49 8.06
CA GLU A 127 -10.63 2.69 7.46
C GLU A 127 -11.17 2.93 6.05
N ALA A 128 -11.36 1.85 5.28
CA ALA A 128 -11.80 1.96 3.90
C ALA A 128 -13.31 1.77 3.71
N ASP A 129 -14.00 1.17 4.69
CA ASP A 129 -15.42 0.83 4.59
C ASP A 129 -16.33 2.03 4.79
N ILE A 130 -16.60 2.75 3.73
CA ILE A 130 -17.50 3.89 3.74
C ILE A 130 -18.95 3.51 4.07
N ASP A 131 -19.57 2.55 3.34
CA ASP A 131 -20.98 2.20 3.56
C ASP A 131 -21.29 1.35 4.81
N GLY A 132 -20.28 0.83 5.49
CA GLY A 132 -20.47 0.05 6.70
C GLY A 132 -20.94 -1.39 6.57
N ASP A 133 -20.68 -2.05 5.44
CA ASP A 133 -21.05 -3.47 5.28
C ASP A 133 -19.99 -4.45 5.81
N GLY A 134 -18.90 -3.95 6.38
CA GLY A 134 -17.82 -4.79 6.89
C GLY A 134 -16.82 -5.25 5.85
N GLN A 135 -17.01 -4.85 4.58
CA GLN A 135 -16.13 -5.26 3.48
C GLN A 135 -15.80 -4.06 2.58
N VAL A 136 -14.79 -4.18 1.71
CA VAL A 136 -14.39 -3.06 0.85
C VAL A 136 -14.80 -3.28 -0.59
N ASN A 137 -15.72 -2.47 -1.13
CA ASN A 137 -16.14 -2.64 -2.52
C ASN A 137 -15.22 -1.88 -3.46
N TYR A 138 -15.40 -2.06 -4.78
CA TYR A 138 -14.53 -1.41 -5.76
C TYR A 138 -14.42 0.11 -5.59
N GLU A 139 -15.55 0.81 -5.43
CA GLU A 139 -15.54 2.26 -5.28
C GLU A 139 -14.81 2.70 -4.00
N GLU A 140 -15.01 2.00 -2.89
CA GLU A 140 -14.30 2.30 -1.64
C GLU A 140 -12.78 2.04 -1.81
N PHE A 141 -12.41 0.97 -2.52
CA PHE A 141 -11.01 0.64 -2.75
C PHE A 141 -10.34 1.73 -3.60
N VAL A 142 -11.06 2.23 -4.61
CA VAL A 142 -10.56 3.31 -5.45
C VAL A 142 -10.47 4.62 -4.64
N GLN A 143 -11.55 4.97 -3.91
CA GLN A 143 -11.60 6.20 -3.11
C GLN A 143 -10.49 6.28 -2.09
N MET A 144 -10.11 5.13 -1.53
CA MET A 144 -9.06 4.99 -0.54
C MET A 144 -7.73 5.55 -1.05
N MET A 145 -7.46 5.42 -2.35
CA MET A 145 -6.20 5.90 -2.93
C MET A 145 -6.05 7.42 -2.93
N THR A 146 -7.16 8.15 -3.09
CA THR A 146 -7.12 9.61 -3.07
C THR A 146 -6.72 10.14 -1.68
N1 85H B . 3.58 5.78 -6.31
C7 85H B . -0.29 4.41 -5.45
C8 85H B . -1.09 4.56 -6.57
C9 85H B . -1.69 3.48 -7.18
C1 85H B . -0.29 5.41 -1.01
C5 85H B . 1.84 4.41 -1.47
C6 85H B . 0.33 5.61 -4.76
C4 85H B . 1.69 4.73 -2.80
C3 85H B . 0.55 5.36 -3.27
C2 85H B . -0.43 5.71 -2.35
CL1 85H B . -2.25 0.84 -7.40
C10 85H B . -1.48 2.22 -6.65
C11 85H B . -0.69 2.03 -5.55
C12 85H B . -0.09 3.13 -4.95
C 85H B . 0.84 4.75 -0.59
CL 85H B . 0.95 4.21 1.06
N 85H B . 1.67 5.98 -5.33
C13 85H B . 2.37 7.14 -5.09
C14 85H B . 3.57 7.01 -5.69
C30 85H B . 2.42 5.18 -6.08
C15 85H B . 4.68 5.23 -7.11
C16 85H B . 5.14 3.85 -6.64
C24 85H B . 5.66 3.85 -5.23
C25 85H B . 4.86 3.39 -4.18
C26 85H B . 5.36 3.24 -2.90
C27 85H B . 6.67 3.57 -2.65
CL4 85H B . 7.31 3.39 -1.05
C28 85H B . 7.49 4.06 -3.65
C29 85H B . 6.97 4.19 -4.91
CL5 85H B . 8.01 4.87 -6.12
O 85H B . 4.03 2.98 -6.81
C17 85H B . 4.40 1.63 -7.00
C18 85H B . 3.17 0.81 -7.27
C19 85H B . 2.59 0.78 -8.54
C20 85H B . 1.53 -0.04 -8.83
C21 85H B . 1.02 -0.85 -7.84
CL2 85H B . -0.29 -1.94 -8.21
C22 85H B . 1.54 -0.86 -6.57
C23 85H B . 2.61 -0.02 -6.30
CL3 85H B . 3.24 -0.01 -4.69
S SO4 C . -13.69 -7.01 -11.45
O1 SO4 C . -13.75 -6.79 -10.01
O2 SO4 C . -12.47 -6.41 -11.96
O3 SO4 C . -13.70 -8.45 -11.73
O4 SO4 C . -14.84 -6.38 -12.11
CA CA D . -18.10 -1.40 2.30
CA CA E . -14.43 -11.30 -1.83
CA CA F . 16.64 8.51 0.43
CA CA G . 13.68 -1.85 4.81
#